data_1RHY
#
_entry.id   1RHY
#
_cell.length_a   105.275
_cell.length_b   105.275
_cell.length_c   105.275
_cell.angle_alpha   90.00
_cell.angle_beta   90.00
_cell.angle_gamma   90.00
#
_symmetry.space_group_name_H-M   'P 21 3'
#
loop_
_entity.id
_entity.type
_entity.pdbx_description
1 polymer 'Imidazole glycerol phosphate dehydratase'
2 non-polymer 'MERCURY (II) ION'
3 non-polymer 'ETHYL MERCURY ION'
4 non-polymer 'SULFATE ION'
5 non-polymer GLYCEROL
6 non-polymer 'ACETIC ACID'
7 water water
#
_entity_poly.entity_id   1
_entity_poly.type   'polypeptide(L)'
_entity_poly.pdbx_seq_one_letter_code
;MSERIASVERTTSETHISCTIDLDHIPGVTEQKINVSTGIGFLDHMFTALAKHGGMSLQLQCKGDLHIDDHHTAEDCALA
LGEAFKKALGERKGIKRYGYAYAPLDESLSRAVIDISSRPYFMCHLPFTREKVGDLSTEMVSHLLQSFAFAAGVTLHIDS
IRGENNHHIAESAFKALALAIRMAISRTGGDDVPSTKGVLAL
;
_entity_poly.pdbx_strand_id   A,B
#
# COMPACT_ATOMS: atom_id res chain seq x y z
N SER A 2 -8.87 0.80 -26.14
CA SER A 2 -7.60 1.06 -25.39
C SER A 2 -7.55 0.21 -24.12
N GLU A 3 -6.74 -0.83 -24.16
CA GLU A 3 -6.62 -1.74 -23.03
C GLU A 3 -6.02 -1.11 -21.80
N ARG A 4 -6.52 -1.53 -20.65
CA ARG A 4 -6.04 -1.03 -19.37
C ARG A 4 -4.97 -2.00 -18.89
N ILE A 5 -3.73 -1.57 -19.05
CA ILE A 5 -2.56 -2.36 -18.69
C ILE A 5 -1.66 -1.57 -17.76
N ALA A 6 -0.97 -2.27 -16.86
CA ALA A 6 -0.04 -1.62 -15.94
C ALA A 6 0.94 -2.66 -15.40
N SER A 7 2.17 -2.22 -15.15
CA SER A 7 3.23 -3.08 -14.65
C SER A 7 3.85 -2.46 -13.41
N VAL A 8 4.26 -3.32 -12.49
CA VAL A 8 4.83 -2.88 -11.24
C VAL A 8 5.98 -3.80 -10.83
N GLU A 9 7.11 -3.23 -10.43
CA GLU A 9 8.24 -4.07 -10.03
C GLU A 9 8.83 -3.54 -8.74
N ARG A 10 9.18 -4.43 -7.81
CA ARG A 10 9.73 -4.00 -6.54
C ARG A 10 10.92 -4.86 -6.14
N THR A 11 11.96 -4.22 -5.61
CA THR A 11 13.15 -4.96 -5.20
C THR A 11 13.71 -4.57 -3.83
N THR A 12 13.95 -5.59 -3.01
CA THR A 12 14.55 -5.41 -1.69
C THR A 12 15.80 -6.31 -1.68
N SER A 13 16.49 -6.38 -0.55
CA SER A 13 17.69 -7.21 -0.44
C SER A 13 17.35 -8.69 -0.43
N GLU A 14 16.09 -8.99 -0.11
CA GLU A 14 15.60 -10.36 0.01
C GLU A 14 14.51 -10.78 -0.99
N THR A 15 13.89 -9.81 -1.66
CA THR A 15 12.82 -10.18 -2.57
C THR A 15 12.67 -9.32 -3.80
N HIS A 16 12.27 -9.96 -4.90
CA HIS A 16 12.04 -9.25 -6.13
C HIS A 16 10.61 -9.58 -6.53
N ILE A 17 9.79 -8.54 -6.72
CA ILE A 17 8.42 -8.77 -7.13
C ILE A 17 8.14 -8.01 -8.39
N SER A 18 7.52 -8.73 -9.32
CA SER A 18 7.16 -8.19 -10.62
C SER A 18 5.69 -8.52 -10.89
N CYS A 19 4.94 -7.55 -11.37
CA CYS A 19 3.54 -7.79 -11.64
C CYS A 19 3.03 -6.98 -12.82
N THR A 20 2.38 -7.66 -13.76
CA THR A 20 1.82 -7.00 -14.92
C THR A 20 0.38 -7.44 -15.02
N ILE A 21 -0.52 -6.49 -15.28
CA ILE A 21 -1.92 -6.82 -15.35
C ILE A 21 -2.63 -6.20 -16.55
N ASP A 22 -3.62 -6.92 -17.08
CA ASP A 22 -4.42 -6.41 -18.18
C ASP A 22 -5.86 -6.62 -17.77
N LEU A 23 -6.62 -5.53 -17.77
CA LEU A 23 -8.02 -5.57 -17.39
C LEU A 23 -8.94 -5.95 -18.54
N ASP A 24 -8.44 -5.93 -19.76
CA ASP A 24 -9.27 -6.22 -20.92
C ASP A 24 -8.67 -7.26 -21.86
N HIS A 25 -9.38 -7.54 -22.94
CA HIS A 25 -8.93 -8.45 -23.98
C HIS A 25 -9.70 -8.08 -25.23
N ILE A 26 -9.08 -8.27 -26.39
CA ILE A 26 -9.74 -8.00 -27.67
C ILE A 26 -10.59 -9.23 -27.96
N PRO A 27 -11.91 -9.07 -27.82
CA PRO A 27 -12.92 -10.11 -28.04
C PRO A 27 -12.61 -10.92 -29.28
N GLY A 28 -12.66 -12.24 -29.18
CA GLY A 28 -12.30 -13.07 -30.32
C GLY A 28 -10.78 -13.06 -30.44
N VAL A 29 -10.25 -11.94 -30.92
CA VAL A 29 -8.82 -11.77 -31.11
C VAL A 29 -7.89 -12.22 -29.96
N THR A 30 -7.77 -11.43 -28.90
CA THR A 30 -6.87 -11.84 -27.80
C THR A 30 -7.57 -12.61 -26.68
N GLU A 31 -6.77 -13.21 -25.80
CA GLU A 31 -7.26 -14.06 -24.72
C GLU A 31 -6.53 -13.86 -23.38
N GLN A 32 -7.16 -14.26 -22.28
CA GLN A 32 -6.53 -14.14 -20.96
C GLN A 32 -5.30 -15.01 -20.87
N LYS A 33 -4.27 -14.47 -20.23
CA LYS A 33 -3.02 -15.19 -20.02
C LYS A 33 -2.67 -15.00 -18.55
N ILE A 34 -2.47 -16.10 -17.83
CA ILE A 34 -2.17 -15.96 -16.41
C ILE A 34 -1.03 -16.82 -15.90
N ASN A 35 -0.06 -16.18 -15.26
CA ASN A 35 1.09 -16.87 -14.69
C ASN A 35 1.38 -16.26 -13.31
N VAL A 36 1.19 -17.05 -12.27
CA VAL A 36 1.41 -16.59 -10.91
C VAL A 36 2.33 -17.50 -10.13
N SER A 37 3.40 -16.93 -9.61
CA SER A 37 4.38 -17.68 -8.83
C SER A 37 4.86 -16.84 -7.66
N THR A 38 4.25 -17.09 -6.50
CA THR A 38 4.57 -16.36 -5.28
C THR A 38 5.50 -17.11 -4.33
N GLY A 39 5.57 -18.43 -4.48
CA GLY A 39 6.41 -19.21 -3.58
C GLY A 39 5.49 -19.93 -2.63
N ILE A 40 4.21 -19.57 -2.67
CA ILE A 40 3.19 -20.20 -1.85
C ILE A 40 2.13 -20.75 -2.81
N GLY A 41 2.12 -22.07 -2.94
CA GLY A 41 1.19 -22.73 -3.83
C GLY A 41 -0.25 -22.29 -3.68
N PHE A 42 -0.76 -22.29 -2.45
CA PHE A 42 -2.14 -21.90 -2.25
C PHE A 42 -2.43 -20.47 -2.68
N LEU A 43 -1.54 -19.53 -2.35
CA LEU A 43 -1.75 -18.14 -2.76
C LEU A 43 -1.78 -18.05 -4.28
N ASP A 44 -0.93 -18.83 -4.95
CA ASP A 44 -0.89 -18.86 -6.41
C ASP A 44 -2.26 -19.29 -6.94
N HIS A 45 -2.86 -20.27 -6.27
CA HIS A 45 -4.17 -20.77 -6.67
C HIS A 45 -5.21 -19.65 -6.54
N MET A 46 -5.18 -18.93 -5.43
CA MET A 46 -6.13 -17.85 -5.19
C MET A 46 -6.00 -16.69 -6.18
N PHE A 47 -4.79 -16.15 -6.38
CA PHE A 47 -4.58 -15.05 -7.32
C PHE A 47 -4.89 -15.46 -8.74
N THR A 48 -4.65 -16.72 -9.07
CA THR A 48 -4.95 -17.21 -10.41
C THR A 48 -6.47 -17.22 -10.57
N ALA A 49 -7.18 -17.77 -9.57
CA ALA A 49 -8.62 -17.79 -9.62
C ALA A 49 -9.17 -16.36 -9.69
N LEU A 50 -8.49 -15.44 -8.99
CA LEU A 50 -8.94 -14.07 -8.98
C LEU A 50 -8.82 -13.46 -10.37
N ALA A 51 -7.71 -13.73 -11.05
CA ALA A 51 -7.52 -13.19 -12.39
C ALA A 51 -8.45 -13.87 -13.42
N LYS A 52 -8.53 -15.19 -13.39
CA LYS A 52 -9.35 -15.93 -14.35
C LYS A 52 -10.79 -15.47 -14.33
N HIS A 53 -11.48 -15.68 -13.22
CA HIS A 53 -12.85 -15.26 -13.13
C HIS A 53 -13.07 -13.75 -13.12
N GLY A 54 -12.00 -12.98 -12.99
CA GLY A 54 -12.16 -11.54 -13.00
C GLY A 54 -12.01 -11.00 -14.41
N GLY A 55 -11.79 -11.92 -15.34
CA GLY A 55 -11.61 -11.55 -16.75
C GLY A 55 -10.35 -10.76 -17.02
N MET A 56 -9.32 -10.95 -16.20
CA MET A 56 -8.06 -10.21 -16.35
C MET A 56 -6.89 -11.11 -16.72
N SER A 57 -5.82 -10.50 -17.21
CA SER A 57 -4.60 -11.23 -17.53
C SER A 57 -3.65 -10.79 -16.44
N LEU A 58 -2.85 -11.71 -15.95
CA LEU A 58 -1.95 -11.38 -14.88
C LEU A 58 -0.66 -12.14 -14.88
N GLN A 59 0.43 -11.40 -14.73
CA GLN A 59 1.77 -11.95 -14.62
C GLN A 59 2.24 -11.53 -13.24
N LEU A 60 2.40 -12.48 -12.33
CA LEU A 60 2.84 -12.13 -10.98
C LEU A 60 3.88 -13.12 -10.48
N GLN A 61 5.13 -12.66 -10.35
CA GLN A 61 6.19 -13.52 -9.89
C GLN A 61 7.01 -12.87 -8.78
N CYS A 62 7.26 -13.65 -7.74
CA CYS A 62 8.03 -13.19 -6.60
C CYS A 62 9.20 -14.16 -6.37
N LYS A 63 10.41 -13.68 -6.63
CA LYS A 63 11.61 -14.50 -6.46
C LYS A 63 12.38 -14.05 -5.22
N GLY A 64 13.29 -14.90 -4.77
CA GLY A 64 14.09 -14.57 -3.60
C GLY A 64 14.04 -15.71 -2.60
N ASP A 65 14.91 -15.67 -1.61
CA ASP A 65 14.86 -16.71 -0.61
C ASP A 65 13.51 -16.55 0.11
N LEU A 66 12.69 -17.58 -0.07
CA LEU A 66 11.36 -17.69 0.50
C LEU A 66 11.27 -17.17 1.94
N THR A 73 5.43 -9.81 4.18
CA THR A 73 5.69 -11.19 3.78
C THR A 73 5.06 -11.39 2.41
N ALA A 74 3.92 -12.08 2.38
CA ALA A 74 3.19 -12.32 1.13
C ALA A 74 2.34 -11.07 0.88
N GLU A 75 1.99 -10.37 1.96
CA GLU A 75 1.19 -9.15 1.87
C GLU A 75 1.76 -8.30 0.76
N ASP A 76 3.08 -8.28 0.66
CA ASP A 76 3.75 -7.50 -0.39
C ASP A 76 3.32 -7.86 -1.81
N CYS A 77 2.98 -9.12 -2.07
CA CYS A 77 2.53 -9.48 -3.40
C CYS A 77 1.08 -9.03 -3.59
N ALA A 78 0.30 -9.04 -2.51
CA ALA A 78 -1.09 -8.56 -2.58
C ALA A 78 -1.04 -7.06 -2.89
N LEU A 79 -0.08 -6.38 -2.27
CA LEU A 79 0.09 -4.94 -2.47
C LEU A 79 0.51 -4.61 -3.90
N ALA A 80 1.45 -5.37 -4.46
CA ALA A 80 1.88 -5.10 -5.83
C ALA A 80 0.69 -5.33 -6.77
N LEU A 81 -0.05 -6.41 -6.54
CA LEU A 81 -1.23 -6.71 -7.36
C LEU A 81 -2.21 -5.52 -7.31
N GLY A 82 -2.53 -5.08 -6.09
CA GLY A 82 -3.43 -3.96 -5.92
C GLY A 82 -2.91 -2.70 -6.56
N GLU A 83 -1.59 -2.52 -6.48
CA GLU A 83 -0.95 -1.35 -7.07
C GLU A 83 -1.12 -1.38 -8.59
N ALA A 84 -0.89 -2.54 -9.19
CA ALA A 84 -1.01 -2.65 -10.65
C ALA A 84 -2.46 -2.46 -11.11
N PHE A 85 -3.39 -3.08 -10.37
CA PHE A 85 -4.82 -2.99 -10.69
C PHE A 85 -5.20 -1.52 -10.71
N LYS A 86 -4.79 -0.80 -9.66
CA LYS A 86 -5.10 0.62 -9.56
C LYS A 86 -4.55 1.42 -10.74
N LYS A 87 -3.28 1.20 -11.08
CA LYS A 87 -2.70 1.92 -12.21
C LYS A 87 -3.43 1.60 -13.49
N ALA A 88 -3.71 0.32 -13.73
CA ALA A 88 -4.41 -0.07 -14.95
C ALA A 88 -5.80 0.55 -15.00
N LEU A 89 -6.46 0.66 -13.85
CA LEU A 89 -7.79 1.24 -13.79
C LEU A 89 -7.70 2.69 -14.26
N GLY A 90 -6.52 3.26 -14.07
CA GLY A 90 -6.26 4.63 -14.46
C GLY A 90 -7.33 5.60 -14.03
N GLU A 91 -7.95 6.21 -15.05
CA GLU A 91 -8.99 7.20 -14.88
C GLU A 91 -10.34 6.68 -14.34
N ARG A 92 -10.62 5.39 -14.51
CA ARG A 92 -11.88 4.79 -14.05
C ARG A 92 -13.06 5.46 -14.72
N LYS A 93 -12.87 5.93 -15.94
CA LYS A 93 -13.95 6.58 -16.66
C LYS A 93 -14.80 5.57 -17.41
N GLY A 94 -16.11 5.71 -17.30
CA GLY A 94 -17.03 4.83 -17.99
C GLY A 94 -17.24 3.44 -17.41
N ILE A 95 -16.76 3.18 -16.19
CA ILE A 95 -16.93 1.88 -15.58
C ILE A 95 -18.23 1.79 -14.77
N LYS A 96 -18.69 0.56 -14.53
CA LYS A 96 -19.91 0.36 -13.76
C LYS A 96 -19.65 0.80 -12.30
N ARG A 97 -18.39 0.79 -11.89
CA ARG A 97 -17.96 1.21 -10.54
C ARG A 97 -18.37 0.32 -9.37
N TYR A 98 -19.66 0.02 -9.26
CA TYR A 98 -20.10 -0.84 -8.18
C TYR A 98 -20.22 -2.26 -8.67
N GLY A 99 -19.74 -3.22 -7.90
CA GLY A 99 -19.87 -4.59 -8.33
C GLY A 99 -20.12 -5.47 -7.13
N TYR A 100 -20.84 -6.56 -7.35
CA TYR A 100 -21.13 -7.50 -6.28
C TYR A 100 -21.39 -8.85 -6.89
N ALA A 101 -21.09 -9.90 -6.15
CA ALA A 101 -21.26 -11.25 -6.67
C ALA A 101 -21.23 -12.24 -5.53
N TYR A 102 -21.77 -13.42 -5.82
CA TYR A 102 -21.77 -14.53 -4.87
C TYR A 102 -21.09 -15.63 -5.64
N ALA A 103 -20.34 -16.47 -4.93
CA ALA A 103 -19.64 -17.58 -5.57
C ALA A 103 -19.72 -18.76 -4.64
N PRO A 104 -20.21 -19.89 -5.14
CA PRO A 104 -20.27 -21.05 -4.25
C PRO A 104 -19.08 -21.95 -4.59
N LEU A 105 -18.77 -22.88 -3.70
CA LEU A 105 -17.74 -23.89 -3.90
C LEU A 105 -18.23 -25.01 -3.01
N ASP A 106 -18.91 -25.97 -3.64
CA ASP A 106 -19.51 -27.08 -2.93
C ASP A 106 -20.28 -26.48 -1.74
N GLU A 107 -19.87 -26.80 -0.52
CA GLU A 107 -20.57 -26.32 0.65
C GLU A 107 -20.38 -24.87 1.09
N SER A 108 -19.34 -24.23 0.57
CA SER A 108 -19.08 -22.84 0.92
C SER A 108 -19.82 -21.88 -0.01
N LEU A 109 -20.12 -20.70 0.52
CA LEU A 109 -20.76 -19.62 -0.23
C LEU A 109 -20.18 -18.31 0.29
N SER A 110 -19.64 -17.51 -0.62
CA SER A 110 -19.08 -16.20 -0.25
C SER A 110 -19.61 -15.08 -1.14
N ARG A 111 -19.57 -13.88 -0.59
CA ARG A 111 -20.04 -12.68 -1.28
C ARG A 111 -18.96 -11.59 -1.27
N ALA A 112 -18.89 -10.84 -2.35
CA ALA A 112 -17.97 -9.72 -2.42
C ALA A 112 -18.72 -8.52 -2.99
N VAL A 113 -18.54 -7.36 -2.36
CA VAL A 113 -19.16 -6.13 -2.80
C VAL A 113 -18.02 -5.14 -2.87
N ILE A 114 -17.91 -4.49 -4.02
CA ILE A 114 -16.82 -3.58 -4.23
C ILE A 114 -17.27 -2.26 -4.85
N ASP A 115 -16.67 -1.17 -4.41
CA ASP A 115 -16.95 0.15 -4.97
C ASP A 115 -15.60 0.61 -5.45
N ILE A 116 -15.40 0.60 -6.75
CA ILE A 116 -14.13 1.03 -7.31
C ILE A 116 -14.12 2.55 -7.42
N SER A 117 -13.87 3.18 -6.29
CA SER A 117 -13.80 4.62 -6.26
C SER A 117 -12.40 4.90 -5.77
N SER A 118 -12.23 5.97 -5.01
CA SER A 118 -10.92 6.29 -4.53
C SER A 118 -10.89 6.31 -3.02
N ARG A 119 -11.67 5.43 -2.41
CA ARG A 119 -11.70 5.33 -0.98
C ARG A 119 -11.34 3.91 -0.54
N PRO A 120 -10.10 3.71 -0.10
CA PRO A 120 -9.66 2.39 0.33
C PRO A 120 -10.43 2.03 1.61
N TYR A 121 -11.09 0.90 1.61
CA TYR A 121 -11.82 0.47 2.79
C TYR A 121 -11.98 -1.03 2.70
N PHE A 122 -11.89 -1.73 3.83
CA PHE A 122 -12.02 -3.16 3.80
C PHE A 122 -12.69 -3.71 5.04
N MET A 123 -13.76 -4.47 4.82
CA MET A 123 -14.49 -5.13 5.89
C MET A 123 -14.61 -6.59 5.43
N CYS A 124 -14.50 -7.52 6.36
CA CYS A 124 -14.65 -8.92 6.00
C CYS A 124 -15.14 -9.76 7.16
N HIS A 125 -15.67 -10.93 6.82
CA HIS A 125 -16.16 -11.91 7.78
C HIS A 125 -15.75 -13.27 7.22
N LEU A 126 -14.61 -13.77 7.67
CA LEU A 126 -14.07 -15.06 7.21
C LEU A 126 -13.71 -15.93 8.41
N PRO A 127 -14.66 -16.77 8.87
CA PRO A 127 -14.42 -17.64 10.02
C PRO A 127 -13.63 -18.90 9.72
N PHE A 128 -12.33 -18.77 9.49
CA PHE A 128 -11.50 -19.94 9.23
C PHE A 128 -11.44 -20.86 10.47
N THR A 129 -11.08 -22.13 10.28
CA THR A 129 -11.03 -23.06 11.40
C THR A 129 -9.73 -23.84 11.61
N ARG A 130 -8.77 -23.67 10.71
CA ARG A 130 -7.48 -24.33 10.87
C ARG A 130 -6.49 -23.19 11.08
N GLU A 131 -5.20 -23.47 11.00
CA GLU A 131 -4.19 -22.43 11.16
C GLU A 131 -3.66 -22.03 9.79
N LYS A 132 -3.53 -23.01 8.91
CA LYS A 132 -3.02 -22.77 7.58
C LYS A 132 -3.91 -23.45 6.55
N VAL A 133 -3.88 -22.94 5.32
CA VAL A 133 -4.65 -23.53 4.24
C VAL A 133 -3.60 -23.96 3.22
N GLY A 134 -3.36 -25.26 3.19
CA GLY A 134 -2.36 -25.79 2.29
C GLY A 134 -1.03 -25.09 2.52
N ASP A 135 -0.56 -24.43 1.47
CA ASP A 135 0.71 -23.71 1.47
C ASP A 135 0.70 -22.41 2.29
N LEU A 136 -0.49 -21.82 2.50
CA LEU A 136 -0.62 -20.54 3.20
C LEU A 136 -1.45 -20.47 4.49
N SER A 137 -1.02 -19.59 5.39
CA SER A 137 -1.67 -19.37 6.69
C SER A 137 -3.06 -18.70 6.53
N THR A 138 -4.05 -19.21 7.24
CA THR A 138 -5.41 -18.66 7.12
C THR A 138 -5.60 -17.22 7.59
N GLU A 139 -5.02 -16.89 8.74
CA GLU A 139 -5.17 -15.54 9.28
C GLU A 139 -4.66 -14.51 8.29
N MET A 140 -3.78 -14.98 7.40
CA MET A 140 -3.20 -14.10 6.40
C MET A 140 -4.16 -13.76 5.27
N VAL A 141 -5.18 -14.59 5.05
CA VAL A 141 -6.16 -14.33 3.99
C VAL A 141 -6.80 -12.94 4.10
N SER A 142 -7.42 -12.65 5.24
CA SER A 142 -8.04 -11.34 5.44
C SER A 142 -7.02 -10.22 5.20
N HIS A 143 -5.78 -10.42 5.65
CA HIS A 143 -4.72 -9.42 5.48
C HIS A 143 -4.35 -9.18 4.03
N LEU A 144 -4.29 -10.26 3.25
CA LEU A 144 -3.95 -10.13 1.83
C LEU A 144 -5.05 -9.36 1.11
N LEU A 145 -6.29 -9.69 1.44
CA LEU A 145 -7.42 -9.02 0.82
C LEU A 145 -7.41 -7.54 1.22
N GLN A 146 -7.07 -7.25 2.47
CA GLN A 146 -7.01 -5.85 2.94
C GLN A 146 -5.91 -5.11 2.19
N SER A 147 -4.76 -5.78 2.06
CA SER A 147 -3.61 -5.22 1.35
C SER A 147 -4.00 -4.93 -0.08
N PHE A 148 -4.67 -5.89 -0.71
CA PHE A 148 -5.10 -5.71 -2.10
C PHE A 148 -6.01 -4.50 -2.21
N ALA A 149 -7.05 -4.45 -1.36
CA ALA A 149 -8.03 -3.36 -1.38
C ALA A 149 -7.41 -2.00 -1.10
N PHE A 150 -6.56 -1.94 -0.09
CA PHE A 150 -5.90 -0.68 0.25
C PHE A 150 -5.00 -0.24 -0.92
N ALA A 151 -4.15 -1.14 -1.41
CA ALA A 151 -3.27 -0.79 -2.52
C ALA A 151 -4.04 -0.41 -3.78
N ALA A 152 -5.17 -1.09 -4.03
CA ALA A 152 -6.00 -0.83 -5.21
C ALA A 152 -6.82 0.44 -5.03
N GLY A 153 -6.97 0.88 -3.79
CA GLY A 153 -7.74 2.08 -3.47
C GLY A 153 -9.26 1.87 -3.58
N VAL A 154 -9.71 0.63 -3.35
CA VAL A 154 -11.13 0.34 -3.46
C VAL A 154 -11.79 0.06 -2.12
N THR A 155 -13.12 0.10 -2.11
CA THR A 155 -13.90 -0.21 -0.92
C THR A 155 -14.39 -1.61 -1.16
N LEU A 156 -14.01 -2.51 -0.27
CA LEU A 156 -14.35 -3.89 -0.43
C LEU A 156 -14.86 -4.54 0.83
N HIS A 157 -15.95 -5.30 0.66
CA HIS A 157 -16.54 -6.06 1.73
C HIS A 157 -16.60 -7.50 1.24
N ILE A 158 -15.99 -8.40 2.01
CA ILE A 158 -15.95 -9.82 1.70
C ILE A 158 -16.62 -10.56 2.84
N ASP A 159 -17.58 -11.43 2.51
CA ASP A 159 -18.30 -12.17 3.52
C ASP A 159 -18.52 -13.65 3.24
N SER A 160 -18.06 -14.50 4.15
CA SER A 160 -18.32 -15.93 4.03
C SER A 160 -19.76 -16.09 4.53
N ILE A 161 -20.63 -16.65 3.71
CA ILE A 161 -22.03 -16.84 4.10
C ILE A 161 -22.14 -18.15 4.88
N ARG A 162 -21.45 -19.18 4.41
CA ARG A 162 -21.42 -20.48 5.06
C ARG A 162 -20.19 -21.14 4.50
N GLY A 163 -19.67 -22.15 5.22
CA GLY A 163 -18.50 -22.84 4.75
C GLY A 163 -17.93 -23.69 5.87
N GLU A 164 -17.32 -24.81 5.52
CA GLU A 164 -16.76 -25.70 6.51
C GLU A 164 -15.27 -25.90 6.23
N ASN A 165 -14.97 -26.15 4.97
CA ASN A 165 -13.62 -26.37 4.50
C ASN A 165 -12.91 -25.01 4.30
N ASN A 166 -11.80 -24.79 5.00
CA ASN A 166 -11.06 -23.52 4.88
C ASN A 166 -10.57 -23.23 3.46
N HIS A 167 -10.26 -24.27 2.70
CA HIS A 167 -9.83 -24.08 1.33
C HIS A 167 -11.01 -23.55 0.53
N HIS A 168 -12.19 -24.10 0.77
CA HIS A 168 -13.39 -23.71 0.05
C HIS A 168 -13.83 -22.29 0.41
N ILE A 169 -13.69 -21.94 1.67
CA ILE A 169 -14.07 -20.61 2.13
C ILE A 169 -13.15 -19.63 1.41
N ALA A 170 -11.86 -19.92 1.48
CA ALA A 170 -10.87 -19.06 0.84
C ALA A 170 -11.10 -18.92 -0.66
N GLU A 171 -11.25 -20.04 -1.35
CA GLU A 171 -11.44 -19.98 -2.80
C GLU A 171 -12.77 -19.35 -3.23
N SER A 172 -13.83 -19.61 -2.48
CA SER A 172 -15.11 -19.03 -2.83
C SER A 172 -15.05 -17.51 -2.67
N ALA A 173 -14.29 -17.05 -1.68
CA ALA A 173 -14.15 -15.62 -1.44
C ALA A 173 -13.37 -14.96 -2.59
N PHE A 174 -12.28 -15.59 -3.02
CA PHE A 174 -11.52 -15.02 -4.13
C PHE A 174 -12.33 -15.03 -5.42
N LYS A 175 -13.10 -16.09 -5.65
CA LYS A 175 -13.92 -16.12 -6.87
C LYS A 175 -14.98 -15.02 -6.83
N ALA A 176 -15.60 -14.83 -5.67
CA ALA A 176 -16.64 -13.80 -5.51
C ALA A 176 -16.04 -12.41 -5.74
N LEU A 177 -14.83 -12.19 -5.20
CA LEU A 177 -14.13 -10.92 -5.39
C LEU A 177 -13.86 -10.74 -6.88
N ALA A 178 -13.51 -11.84 -7.54
CA ALA A 178 -13.22 -11.80 -8.99
C ALA A 178 -14.43 -11.38 -9.81
N LEU A 179 -15.57 -12.00 -9.53
CA LEU A 179 -16.81 -11.71 -10.27
C LEU A 179 -17.25 -10.27 -10.01
N ALA A 180 -17.08 -9.81 -8.77
CA ALA A 180 -17.48 -8.46 -8.39
C ALA A 180 -16.61 -7.48 -9.16
N ILE A 181 -15.31 -7.75 -9.19
CA ILE A 181 -14.40 -6.89 -9.94
C ILE A 181 -14.78 -6.87 -11.42
N ARG A 182 -15.05 -8.07 -11.97
CA ARG A 182 -15.41 -8.14 -13.39
C ARG A 182 -16.60 -7.22 -13.64
N MET A 183 -17.61 -7.29 -12.78
CA MET A 183 -18.77 -6.42 -12.92
C MET A 183 -18.39 -4.93 -12.80
N ALA A 184 -17.67 -4.59 -11.73
CA ALA A 184 -17.28 -3.20 -11.46
C ALA A 184 -16.40 -2.51 -12.50
N ILE A 185 -15.46 -3.24 -13.09
CA ILE A 185 -14.58 -2.62 -14.06
C ILE A 185 -15.09 -2.59 -15.50
N SER A 186 -16.18 -3.29 -15.77
CA SER A 186 -16.70 -3.30 -17.13
C SER A 186 -17.12 -1.90 -17.56
N ARG A 187 -17.00 -1.63 -18.86
CA ARG A 187 -17.35 -0.32 -19.39
C ARG A 187 -18.57 -0.26 -20.30
N SER B 2 21.46 -4.74 15.99
CA SER B 2 22.16 -4.36 14.73
C SER B 2 21.44 -3.16 14.14
N GLU B 3 21.93 -2.63 13.02
CA GLU B 3 21.29 -1.47 12.41
C GLU B 3 20.04 -1.78 11.62
N ARG B 4 19.18 -0.77 11.55
CA ARG B 4 17.93 -0.86 10.84
C ARG B 4 18.03 -0.01 9.58
N ILE B 5 18.61 -0.61 8.55
CA ILE B 5 18.78 0.07 7.28
C ILE B 5 18.10 -0.78 6.22
N ALA B 6 17.75 -0.16 5.10
CA ALA B 6 17.10 -0.89 4.02
C ALA B 6 17.05 -0.07 2.75
N SER B 7 17.23 -0.77 1.63
CA SER B 7 17.21 -0.16 0.30
C SER B 7 16.14 -0.86 -0.56
N VAL B 8 15.46 -0.09 -1.39
CA VAL B 8 14.46 -0.65 -2.26
C VAL B 8 14.43 0.16 -3.55
N GLU B 9 14.02 -0.51 -4.63
CA GLU B 9 13.88 0.08 -5.96
C GLU B 9 12.44 -0.27 -6.32
N ARG B 10 11.69 0.71 -6.82
CA ARG B 10 10.32 0.45 -7.18
C ARG B 10 10.21 0.76 -8.68
N THR B 11 9.54 -0.18 -9.38
CA THR B 11 9.38 -0.25 -10.84
C THR B 11 10.83 -0.16 -11.30
N THR B 12 11.61 -0.85 -10.46
CA THR B 12 13.05 -1.05 -10.44
C THR B 12 13.91 -1.40 -11.68
N SER B 13 13.43 -2.25 -12.58
CA SER B 13 14.23 -2.62 -13.77
C SER B 13 14.88 -1.39 -14.37
N GLU B 14 14.05 -0.38 -14.59
CA GLU B 14 14.55 0.91 -15.08
C GLU B 14 14.43 1.72 -13.81
N THR B 15 15.34 1.52 -12.85
CA THR B 15 15.16 2.24 -11.60
C THR B 15 14.56 3.62 -11.75
N HIS B 16 13.25 3.61 -11.59
CA HIS B 16 12.36 4.76 -11.62
C HIS B 16 12.70 5.43 -10.30
N ILE B 17 12.47 4.66 -9.23
CA ILE B 17 12.68 5.13 -7.88
C ILE B 17 13.50 4.19 -7.02
N SER B 18 14.49 4.78 -6.36
CA SER B 18 15.37 4.09 -5.45
C SER B 18 15.28 4.77 -4.07
N CYS B 19 15.24 3.98 -3.01
CA CYS B 19 15.16 4.58 -1.70
C CYS B 19 15.94 3.81 -0.67
N THR B 20 16.65 4.54 0.17
CA THR B 20 17.42 3.92 1.25
C THR B 20 17.15 4.74 2.49
N ILE B 21 16.93 4.03 3.58
CA ILE B 21 16.59 4.68 4.82
C ILE B 21 17.30 3.98 5.97
N ASP B 22 17.71 4.77 6.96
CA ASP B 22 18.35 4.23 8.16
C ASP B 22 17.53 4.85 9.28
N LEU B 23 17.01 4.00 10.16
CA LEU B 23 16.13 4.44 11.25
C LEU B 23 16.82 4.95 12.50
N ASP B 24 18.13 4.79 12.56
CA ASP B 24 18.83 5.19 13.74
C ASP B 24 19.90 6.20 13.50
N HIS B 25 19.85 7.26 14.30
CA HIS B 25 20.84 8.29 14.26
C HIS B 25 21.30 8.22 15.71
N ILE B 26 22.59 7.97 15.91
CA ILE B 26 23.18 7.90 17.24
C ILE B 26 24.20 8.99 17.08
N PRO B 27 23.69 10.21 17.22
CA PRO B 27 24.31 11.53 17.12
C PRO B 27 25.66 11.87 17.76
N GLY B 28 26.47 12.56 16.98
CA GLY B 28 27.76 13.00 17.45
C GLY B 28 28.19 14.15 16.57
N VAL B 29 29.31 13.93 15.91
CA VAL B 29 29.90 14.91 15.04
C VAL B 29 29.44 14.88 13.59
N THR B 30 28.85 13.77 13.14
CA THR B 30 28.38 13.68 11.75
C THR B 30 26.93 14.18 11.66
N GLU B 31 26.32 13.98 10.50
CA GLU B 31 24.94 14.37 10.29
C GLU B 31 24.28 13.34 9.39
N GLN B 32 22.99 13.12 9.61
CA GLN B 32 22.24 12.16 8.82
C GLN B 32 22.37 12.54 7.35
N LYS B 33 22.62 11.55 6.50
CA LYS B 33 22.70 11.85 5.07
C LYS B 33 21.26 11.91 4.58
N ILE B 34 20.86 13.05 4.01
CA ILE B 34 19.51 13.17 3.52
C ILE B 34 19.45 13.83 2.15
N ASN B 35 19.16 13.02 1.14
CA ASN B 35 19.04 13.49 -0.24
C ASN B 35 17.75 12.99 -0.85
N VAL B 36 16.84 13.92 -1.12
CA VAL B 36 15.57 13.57 -1.70
C VAL B 36 15.33 14.32 -2.99
N SER B 37 14.92 13.57 -4.01
CA SER B 37 14.65 14.13 -5.32
C SER B 37 13.44 13.40 -5.91
N THR B 38 12.27 14.01 -5.75
CA THR B 38 10.98 13.44 -6.20
C THR B 38 10.52 13.98 -7.56
N GLY B 39 10.97 15.19 -7.89
CA GLY B 39 10.55 15.82 -9.13
C GLY B 39 9.64 16.97 -8.77
N ILE B 40 9.34 17.07 -7.47
CA ILE B 40 8.50 18.13 -6.93
C ILE B 40 9.30 18.65 -5.75
N GLY B 41 9.75 19.90 -5.84
CA GLY B 41 10.55 20.47 -4.78
C GLY B 41 9.89 20.53 -3.42
N PHE B 42 8.62 20.91 -3.39
CA PHE B 42 7.93 21.01 -2.12
C PHE B 42 7.91 19.66 -1.39
N LEU B 43 7.64 18.60 -2.12
CA LEU B 43 7.60 17.29 -1.51
C LEU B 43 8.98 16.92 -1.00
N ASP B 44 10.03 17.30 -1.73
CA ASP B 44 11.40 16.99 -1.28
C ASP B 44 11.64 17.71 0.03
N HIS B 45 11.00 18.87 0.16
CA HIS B 45 11.11 19.68 1.36
C HIS B 45 10.47 18.89 2.52
N MET B 46 9.25 18.41 2.30
CA MET B 46 8.51 17.63 3.29
C MET B 46 9.21 16.35 3.71
N PHE B 47 9.67 15.58 2.73
CA PHE B 47 10.33 14.31 3.03
C PHE B 47 11.67 14.54 3.73
N THR B 48 12.33 15.65 3.41
CA THR B 48 13.60 15.97 4.04
C THR B 48 13.29 16.35 5.49
N ALA B 49 12.26 17.16 5.70
CA ALA B 49 11.86 17.52 7.06
C ALA B 49 11.52 16.23 7.85
N LEU B 50 10.81 15.31 7.18
CA LEU B 50 10.44 14.04 7.80
C LEU B 50 11.66 13.27 8.29
N ALA B 51 12.64 13.07 7.41
CA ALA B 51 13.82 12.33 7.82
C ALA B 51 14.63 13.09 8.89
N LYS B 52 14.77 14.40 8.69
CA LYS B 52 15.55 15.19 9.63
C LYS B 52 14.97 15.13 11.04
N HIS B 53 13.71 15.53 11.20
CA HIS B 53 13.10 15.49 12.52
C HIS B 53 12.73 14.09 12.98
N GLY B 54 12.83 13.12 12.08
CA GLY B 54 12.50 11.76 12.47
C GLY B 54 13.74 11.03 12.96
N GLY B 55 14.90 11.69 12.89
CA GLY B 55 16.13 11.05 13.31
C GLY B 55 16.49 9.90 12.37
N MET B 56 16.24 10.10 11.08
CA MET B 56 16.51 9.05 10.11
C MET B 56 17.43 9.54 9.01
N SER B 57 18.02 8.60 8.29
CA SER B 57 18.86 8.94 7.15
C SER B 57 17.99 8.53 5.96
N LEU B 58 17.89 9.39 4.97
CA LEU B 58 17.05 9.07 3.84
C LEU B 58 17.63 9.41 2.48
N GLN B 59 17.61 8.42 1.59
CA GLN B 59 18.08 8.57 0.22
C GLN B 59 16.89 8.22 -0.63
N LEU B 60 16.33 9.21 -1.34
CA LEU B 60 15.18 8.93 -2.18
C LEU B 60 15.31 9.66 -3.50
N GLN B 61 15.44 8.88 -4.58
CA GLN B 61 15.61 9.46 -5.91
C GLN B 61 14.61 8.88 -6.90
N CYS B 62 13.82 9.76 -7.51
CA CYS B 62 12.85 9.33 -8.50
C CYS B 62 13.16 9.94 -9.87
N LYS B 63 13.34 9.08 -10.86
CA LYS B 63 13.61 9.53 -12.22
C LYS B 63 12.39 9.28 -13.10
N GLY B 64 12.08 10.26 -13.95
CA GLY B 64 10.93 10.12 -14.81
C GLY B 64 10.60 11.36 -15.64
N ASP B 65 9.34 11.45 -16.06
CA ASP B 65 8.86 12.56 -16.87
C ASP B 65 9.53 12.61 -18.24
N THR B 73 1.89 9.02 -10.11
CA THR B 73 2.26 10.32 -9.58
C THR B 73 3.19 10.20 -8.37
N ALA B 74 3.17 11.23 -7.52
CA ALA B 74 3.99 11.26 -6.33
C ALA B 74 3.73 10.10 -5.37
N GLU B 75 2.56 9.47 -5.48
CA GLU B 75 2.23 8.33 -4.63
C GLU B 75 3.34 7.28 -4.67
N ASP B 76 3.95 7.12 -5.84
CA ASP B 76 5.03 6.16 -5.99
C ASP B 76 6.21 6.48 -5.07
N CYS B 77 6.51 7.76 -4.88
CA CYS B 77 7.60 8.08 -3.98
C CYS B 77 7.21 7.69 -2.55
N ALA B 78 5.97 7.99 -2.18
CA ALA B 78 5.48 7.65 -0.84
C ALA B 78 5.53 6.14 -0.65
N LEU B 79 5.10 5.38 -1.65
CA LEU B 79 5.12 3.92 -1.53
C LEU B 79 6.55 3.40 -1.33
N ALA B 80 7.47 3.95 -2.12
CA ALA B 80 8.86 3.53 -2.02
C ALA B 80 9.33 3.83 -0.60
N LEU B 81 9.03 5.04 -0.15
CA LEU B 81 9.41 5.48 1.20
C LEU B 81 8.89 4.53 2.29
N GLY B 82 7.61 4.17 2.19
CA GLY B 82 7.00 3.30 3.16
C GLY B 82 7.57 1.89 3.09
N GLU B 83 7.85 1.41 1.87
CA GLU B 83 8.42 0.07 1.71
C GLU B 83 9.80 0.03 2.39
N ALA B 84 10.61 1.06 2.17
CA ALA B 84 11.93 1.09 2.82
C ALA B 84 11.75 1.16 4.33
N PHE B 85 10.89 2.05 4.79
CA PHE B 85 10.64 2.19 6.22
C PHE B 85 10.25 0.82 6.81
N LYS B 86 9.31 0.16 6.15
CA LYS B 86 8.86 -1.14 6.63
C LYS B 86 10.01 -2.17 6.69
N LYS B 87 10.78 -2.31 5.62
CA LYS B 87 11.87 -3.27 5.64
C LYS B 87 12.88 -2.94 6.75
N ALA B 88 13.20 -1.67 6.90
CA ALA B 88 14.14 -1.27 7.93
C ALA B 88 13.68 -1.63 9.36
N LEU B 89 12.38 -1.54 9.64
CA LEU B 89 11.85 -1.88 10.97
C LEU B 89 12.10 -3.33 11.28
N GLY B 90 12.32 -4.09 10.22
CA GLY B 90 12.56 -5.50 10.39
C GLY B 90 11.49 -6.13 11.25
N GLU B 91 11.94 -6.79 12.30
CA GLU B 91 11.06 -7.49 13.23
C GLU B 91 10.28 -6.63 14.24
N ARG B 92 10.59 -5.34 14.33
CA ARG B 92 9.92 -4.43 15.27
C ARG B 92 10.08 -4.90 16.72
N LYS B 93 11.21 -5.54 17.01
CA LYS B 93 11.49 -6.05 18.35
C LYS B 93 11.91 -4.95 19.30
N GLY B 94 11.23 -4.87 20.44
CA GLY B 94 11.57 -3.89 21.46
C GLY B 94 11.41 -2.41 21.13
N ILE B 95 10.45 -2.04 20.28
CA ILE B 95 10.27 -0.62 19.97
C ILE B 95 9.14 -0.07 20.82
N LYS B 96 9.06 1.24 20.93
CA LYS B 96 8.00 1.84 21.73
C LYS B 96 6.67 1.52 21.09
N ARG B 97 6.67 1.32 19.77
CA ARG B 97 5.48 0.96 18.97
C ARG B 97 4.43 2.05 18.78
N TYR B 98 4.07 2.71 19.88
CA TYR B 98 3.10 3.77 19.82
C TYR B 98 3.81 5.13 19.83
N GLY B 99 3.40 6.04 18.96
CA GLY B 99 4.03 7.35 18.97
C GLY B 99 2.99 8.40 18.69
N TYR B 100 3.21 9.61 19.23
CA TYR B 100 2.32 10.75 19.04
C TYR B 100 3.13 12.00 19.33
N ALA B 101 2.77 13.10 18.68
CA ALA B 101 3.48 14.35 18.85
C ALA B 101 2.67 15.48 18.24
N TYR B 102 2.94 16.69 18.70
CA TYR B 102 2.31 17.87 18.13
C TYR B 102 3.47 18.72 17.59
N ALA B 103 3.22 19.44 16.52
CA ALA B 103 4.24 20.31 15.96
C ALA B 103 3.56 21.56 15.47
N PRO B 104 4.06 22.73 15.88
CA PRO B 104 3.45 23.98 15.43
C PRO B 104 4.36 24.61 14.38
N LEU B 105 3.79 25.50 13.56
CA LEU B 105 4.58 26.25 12.59
C LEU B 105 3.81 27.56 12.54
N ASP B 106 4.35 28.54 13.26
CA ASP B 106 3.71 29.83 13.42
C ASP B 106 2.27 29.59 13.84
N GLU B 107 1.33 29.99 13.01
CA GLU B 107 -0.09 29.84 13.34
C GLU B 107 -0.64 28.44 13.18
N SER B 108 0.10 27.55 12.53
CA SER B 108 -0.40 26.20 12.36
C SER B 108 0.02 25.27 13.51
N LEU B 109 -0.82 24.26 13.75
CA LEU B 109 -0.58 23.25 14.77
C LEU B 109 -1.12 21.91 14.27
N SER B 110 -0.26 20.89 14.22
CA SER B 110 -0.75 19.58 13.76
C SER B 110 -0.34 18.49 14.70
N ARG B 111 -1.06 17.38 14.62
CA ARG B 111 -0.82 16.23 15.47
C ARG B 111 -0.70 14.99 14.60
N ALA B 112 0.13 14.05 15.06
CA ALA B 112 0.31 12.76 14.41
C ALA B 112 0.31 11.70 15.48
N VAL B 113 -0.38 10.61 15.21
CA VAL B 113 -0.46 9.47 16.11
C VAL B 113 -0.22 8.26 15.24
N ILE B 114 0.68 7.40 15.67
CA ILE B 114 1.01 6.24 14.88
C ILE B 114 1.19 5.01 15.75
N ASP B 115 0.76 3.86 15.21
CA ASP B 115 0.93 2.60 15.91
C ASP B 115 1.72 1.75 14.91
N ILE B 116 2.95 1.41 15.24
CA ILE B 116 3.78 0.64 14.34
C ILE B 116 3.64 -0.85 14.66
N SER B 117 2.55 -1.38 14.18
CA SER B 117 2.21 -2.77 14.35
C SER B 117 2.28 -3.29 12.92
N SER B 118 1.36 -4.15 12.55
CA SER B 118 1.33 -4.65 11.20
C SER B 118 0.06 -4.17 10.52
N ARG B 119 -0.90 -3.72 11.33
CA ARG B 119 -2.19 -3.23 10.83
C ARG B 119 -2.12 -1.87 10.13
N PRO B 120 -2.28 -1.86 8.79
CA PRO B 120 -2.24 -0.57 8.10
C PRO B 120 -3.57 0.14 8.25
N TYR B 121 -3.53 1.47 8.32
CA TYR B 121 -4.75 2.25 8.41
C TYR B 121 -4.37 3.74 8.41
N PHE B 122 -5.23 4.57 7.84
CA PHE B 122 -4.96 6.00 7.78
C PHE B 122 -6.22 6.84 7.91
N MET B 123 -6.16 7.85 8.77
CA MET B 123 -7.26 8.78 8.96
C MET B 123 -6.58 10.12 9.04
N CYS B 124 -7.25 11.15 8.55
CA CYS B 124 -6.69 12.47 8.61
C CYS B 124 -7.76 13.55 8.50
N HIS B 125 -7.36 14.74 8.92
CA HIS B 125 -8.15 15.96 8.83
C HIS B 125 -7.14 17.03 8.44
N LEU B 126 -7.07 17.31 7.15
CA LEU B 126 -6.13 18.29 6.60
C LEU B 126 -6.94 19.25 5.75
N PRO B 127 -7.51 20.29 6.37
CA PRO B 127 -8.32 21.27 5.66
C PRO B 127 -7.57 22.24 4.76
N PHE B 128 -6.92 21.72 3.72
CA PHE B 128 -6.20 22.59 2.79
C PHE B 128 -7.17 23.53 2.09
N THR B 129 -6.75 24.76 1.77
CA THR B 129 -7.68 25.71 1.13
C THR B 129 -7.31 26.27 -0.23
N ARG B 130 -6.05 26.12 -0.64
CA ARG B 130 -5.65 26.54 -1.98
C ARG B 130 -5.61 25.17 -2.70
N GLU B 131 -5.06 25.10 -3.91
CA GLU B 131 -5.00 23.80 -4.59
C GLU B 131 -3.56 23.34 -4.67
N LYS B 132 -2.66 24.27 -4.40
CA LYS B 132 -1.25 23.95 -4.45
C LYS B 132 -0.47 24.60 -3.34
N VAL B 133 0.68 24.02 -3.05
CA VAL B 133 1.62 24.51 -2.06
C VAL B 133 2.92 24.28 -2.80
N GLY B 134 3.53 25.36 -3.28
CA GLY B 134 4.74 25.20 -4.06
C GLY B 134 4.27 24.43 -5.28
N ASP B 135 5.11 23.55 -5.82
CA ASP B 135 4.69 22.79 -6.97
C ASP B 135 3.78 21.57 -6.65
N LEU B 136 3.73 21.15 -5.38
CA LEU B 136 2.88 20.01 -4.97
C LEU B 136 1.43 20.39 -4.79
N SER B 137 0.55 19.55 -5.30
CA SER B 137 -0.90 19.75 -5.21
C SER B 137 -1.39 19.34 -3.82
N THR B 138 -2.17 20.20 -3.17
CA THR B 138 -2.66 19.96 -1.81
C THR B 138 -3.44 18.67 -1.56
N GLU B 139 -4.36 18.35 -2.47
CA GLU B 139 -5.15 17.13 -2.36
C GLU B 139 -4.24 15.91 -2.30
N MET B 140 -3.04 16.03 -2.86
CA MET B 140 -2.13 14.89 -2.85
C MET B 140 -1.48 14.57 -1.51
N VAL B 141 -1.36 15.59 -0.65
CA VAL B 141 -0.73 15.41 0.66
C VAL B 141 -1.41 14.27 1.40
N SER B 142 -2.72 14.35 1.53
CA SER B 142 -3.50 13.33 2.18
C SER B 142 -3.18 11.97 1.58
N HIS B 143 -3.14 11.94 0.25
CA HIS B 143 -2.88 10.72 -0.48
C HIS B 143 -1.51 10.12 -0.30
N LEU B 144 -0.46 10.93 -0.36
CA LEU B 144 0.84 10.30 -0.22
C LEU B 144 1.11 9.90 1.24
N LEU B 145 0.43 10.53 2.20
CA LEU B 145 0.62 10.12 3.59
C LEU B 145 -0.10 8.77 3.77
N GLN B 146 -1.21 8.62 3.07
CA GLN B 146 -1.98 7.37 3.12
C GLN B 146 -1.18 6.26 2.47
N SER B 147 -0.58 6.55 1.31
CA SER B 147 0.20 5.55 0.59
C SER B 147 1.39 5.19 1.47
N PHE B 148 1.96 6.20 2.12
CA PHE B 148 3.08 5.94 3.00
C PHE B 148 2.64 4.98 4.11
N ALA B 149 1.52 5.26 4.76
CA ALA B 149 1.04 4.41 5.85
C ALA B 149 0.74 2.99 5.40
N PHE B 150 0.09 2.84 4.26
CA PHE B 150 -0.23 1.51 3.74
C PHE B 150 1.05 0.77 3.40
N ALA B 151 1.96 1.41 2.67
CA ALA B 151 3.22 0.75 2.32
C ALA B 151 4.03 0.38 3.56
N ALA B 152 4.03 1.24 4.56
CA ALA B 152 4.78 0.98 5.79
C ALA B 152 4.10 -0.05 6.69
N GLY B 153 2.80 -0.28 6.45
CA GLY B 153 2.05 -1.21 7.27
C GLY B 153 1.79 -0.64 8.67
N VAL B 154 1.45 0.63 8.77
CA VAL B 154 1.22 1.23 10.09
C VAL B 154 -0.14 1.91 10.18
N THR B 155 -0.62 2.12 11.40
CA THR B 155 -1.87 2.82 11.59
C THR B 155 -1.48 4.24 11.92
N LEU B 156 -1.98 5.17 11.12
CA LEU B 156 -1.63 6.56 11.27
C LEU B 156 -2.79 7.53 11.19
N HIS B 157 -2.83 8.47 12.12
CA HIS B 157 -3.86 9.50 12.14
C HIS B 157 -3.12 10.83 12.15
N ILE B 158 -3.39 11.66 11.16
CA ILE B 158 -2.75 12.97 11.06
C ILE B 158 -3.84 14.02 11.13
N ASP B 159 -3.66 14.99 12.02
CA ASP B 159 -4.68 16.00 12.21
C ASP B 159 -4.20 17.44 12.30
N SER B 160 -4.81 18.31 11.51
CA SER B 160 -4.51 19.73 11.56
C SER B 160 -5.39 20.25 12.70
N ILE B 161 -4.79 20.85 13.71
CA ILE B 161 -5.55 21.35 14.85
C ILE B 161 -6.03 22.78 14.55
N ARG B 162 -5.17 23.56 13.89
CA ARG B 162 -5.52 24.93 13.48
C ARG B 162 -4.49 25.31 12.43
N GLY B 163 -4.76 26.36 11.66
CA GLY B 163 -3.82 26.79 10.64
C GLY B 163 -4.45 27.58 9.50
N GLU B 164 -3.72 28.52 8.92
CA GLU B 164 -4.26 29.31 7.82
C GLU B 164 -3.45 29.06 6.54
N ASN B 165 -2.15 29.26 6.68
CA ASN B 165 -1.20 29.09 5.60
C ASN B 165 -1.02 27.60 5.24
N ASN B 166 -1.40 27.24 4.02
CA ASN B 166 -1.30 25.86 3.52
C ASN B 166 0.12 25.30 3.63
N HIS B 167 1.15 26.13 3.46
CA HIS B 167 2.52 25.63 3.59
C HIS B 167 2.70 25.19 5.05
N HIS B 168 2.26 26.03 5.97
CA HIS B 168 2.38 25.79 7.38
C HIS B 168 1.62 24.56 7.80
N ILE B 169 0.42 24.40 7.27
CA ILE B 169 -0.38 23.25 7.59
C ILE B 169 0.37 21.99 7.20
N ALA B 170 0.84 21.94 5.96
CA ALA B 170 1.58 20.79 5.44
C ALA B 170 2.89 20.54 6.18
N GLU B 171 3.68 21.59 6.40
CA GLU B 171 4.94 21.40 7.08
C GLU B 171 4.78 20.96 8.53
N SER B 172 3.84 21.55 9.25
CA SER B 172 3.63 21.13 10.62
C SER B 172 3.17 19.67 10.70
N ALA B 173 2.40 19.21 9.72
CA ALA B 173 1.92 17.82 9.74
C ALA B 173 3.08 16.88 9.52
N PHE B 174 3.96 17.18 8.57
CA PHE B 174 5.10 16.29 8.33
C PHE B 174 6.01 16.32 9.56
N LYS B 175 6.18 17.49 10.17
CA LYS B 175 7.00 17.54 11.35
C LYS B 175 6.36 16.70 12.46
N ALA B 176 5.04 16.81 12.64
CA ALA B 176 4.39 16.02 13.69
C ALA B 176 4.57 14.51 13.38
N LEU B 177 4.49 14.15 12.11
CA LEU B 177 4.67 12.77 11.70
C LEU B 177 6.09 12.35 12.05
N ALA B 178 7.06 13.21 11.72
CA ALA B 178 8.46 12.89 12.03
C ALA B 178 8.66 12.56 13.51
N LEU B 179 8.16 13.43 14.38
CA LEU B 179 8.33 13.23 15.81
C LEU B 179 7.61 12.00 16.33
N ALA B 180 6.42 11.72 15.79
CA ALA B 180 5.66 10.56 16.25
C ALA B 180 6.40 9.31 15.87
N ILE B 181 6.93 9.29 14.67
CA ILE B 181 7.71 8.14 14.20
C ILE B 181 8.97 7.98 15.06
N ARG B 182 9.69 9.06 15.31
CA ARG B 182 10.91 8.98 16.11
C ARG B 182 10.60 8.33 17.47
N MET B 183 9.48 8.72 18.07
CA MET B 183 9.07 8.14 19.34
C MET B 183 8.72 6.66 19.20
N ALA B 184 7.91 6.33 18.20
CA ALA B 184 7.45 4.96 18.01
C ALA B 184 8.53 3.94 17.66
N ILE B 185 9.53 4.32 16.88
CA ILE B 185 10.57 3.38 16.53
C ILE B 185 11.71 3.29 17.54
N SER B 186 11.70 4.15 18.56
CA SER B 186 12.76 4.17 19.56
C SER B 186 12.82 2.80 20.22
N ARG B 187 14.02 2.29 20.47
CA ARG B 187 14.20 0.95 21.02
C ARG B 187 14.70 0.73 22.43
N THR B 188 14.78 -0.58 22.73
CA THR B 188 15.23 -1.18 23.97
C THR B 188 14.67 -2.58 23.90
#